data_6NIS
#
_entry.id   6NIS
#
_cell.length_a   63.850
_cell.length_b   66.667
_cell.length_c   134.416
_cell.angle_alpha   90.00
_cell.angle_beta   90.00
_cell.angle_gamma   90.00
#
_symmetry.space_group_name_H-M   'P 21 21 21'
#
loop_
_entity.id
_entity.type
_entity.pdbx_description
1 polymer 'MZ24 antibody heavy chain'
2 polymer 'MZ24 antibody light chain'
3 non-polymer 'CHLORIDE ION'
4 non-polymer GLYCEROL
5 water water
#
loop_
_entity_poly.entity_id
_entity_poly.type
_entity_poly.pdbx_seq_one_letter_code
_entity_poly.pdbx_strand_id
1 'polypeptide(L)'
;QVQLQESGPGLVKSSETLSLSCTVSGASISSYYWSWVRQSPGKGLEWMGSIYYTGTTTYNPSLKSRLTISVDTSKNQFSL
KLNSVTAADTAVYSCAGLDRFNWNDEGDCWGQGTLVTVFSASTKGPSVFPLAPSSKSTSGGTAALGCLVKDYFPEPVTVS
WNSGALTSGVHTFPAVLQSSGLYSLSSVVTVPSSSLGTQTYICNVNHKPSNTKVDKKVEPKSCDK
;
H
2 'polypeptide(L)'
;QSVLTQPPSASGTPGQRVTISCSGSRSNLGRNTVNWYQQLPGVAPKLLIYSNSRRPSGVPDRFSGSKSDTSASLAISGLQ
SEDEADYYCAAWDDSLNGLYVFGTGTSVTVLGQPKAAPSVTLFPPSSEELQANKATLVCLISDFYPGAVTVAWKADSSPV
KAGVETTTPSKQSNNKYAASSYLSLTPEQWKSHRSYSCQVTHEGSTVEKTVAPTEC
;
L
#
loop_
_chem_comp.id
_chem_comp.type
_chem_comp.name
_chem_comp.formula
CL non-polymer 'CHLORIDE ION' 'Cl -1'
GOL non-polymer GLYCEROL 'C3 H8 O3'
#
# COMPACT_ATOMS: atom_id res chain seq x y z
N GLN A 1 6.96 -21.86 5.24
CA GLN A 1 5.79 -22.40 5.92
C GLN A 1 5.53 -21.69 7.23
N VAL A 2 6.51 -20.91 7.68
CA VAL A 2 6.34 -20.11 8.88
C VAL A 2 5.44 -18.92 8.58
N GLN A 3 4.41 -18.74 9.41
CA GLN A 3 3.41 -17.70 9.20
C GLN A 3 3.38 -16.75 10.39
N LEU A 4 3.38 -15.45 10.11
CA LEU A 4 3.13 -14.44 11.12
C LEU A 4 1.83 -13.72 10.76
N GLN A 5 0.84 -13.81 11.63
CA GLN A 5 -0.50 -13.29 11.36
C GLN A 5 -0.78 -12.10 12.27
N GLU A 6 -0.97 -10.93 11.67
CA GLU A 6 -1.25 -9.72 12.44
C GLU A 6 -2.73 -9.62 12.81
N SER A 7 -2.99 -9.11 14.00
CA SER A 7 -4.34 -8.84 14.47
C SER A 7 -4.27 -7.67 15.45
N GLY A 8 -5.41 -7.34 16.04
CA GLY A 8 -5.46 -6.30 17.04
C GLY A 8 -6.29 -5.11 16.63
N PRO A 9 -6.69 -4.28 17.60
CA PRO A 9 -7.57 -3.15 17.30
C PRO A 9 -6.86 -1.97 16.64
N GLY A 10 -5.54 -1.94 16.64
CA GLY A 10 -4.86 -0.76 16.14
C GLY A 10 -5.05 0.40 17.10
N LEU A 11 -5.56 1.52 16.60
CA LEU A 11 -5.76 2.69 17.44
C LEU A 11 -6.98 2.50 18.33
N VAL A 12 -6.81 2.78 19.62
CA VAL A 12 -7.90 2.87 20.58
C VAL A 12 -7.85 4.28 21.15
N LYS A 13 -8.83 5.10 20.74
CA LYS A 13 -8.83 6.52 21.07
C LYS A 13 -9.19 6.78 22.53
N SER A 14 -10.08 5.98 23.10
CA SER A 14 -10.53 6.22 24.47
C SER A 14 -9.39 6.10 25.48
N SER A 15 -8.29 5.45 25.10
CA SER A 15 -7.10 5.36 25.93
C SER A 15 -5.86 5.89 25.23
N GLU A 16 -5.99 6.43 24.02
CA GLU A 16 -4.87 6.93 23.23
C GLU A 16 -3.74 5.92 23.15
N THR A 17 -4.09 4.68 22.79
CA THR A 17 -3.09 3.64 22.63
C THR A 17 -3.16 3.03 21.24
N LEU A 18 -2.08 2.34 20.87
CA LEU A 18 -2.01 1.58 19.63
C LEU A 18 -1.60 0.17 20.00
N SER A 19 -2.44 -0.80 19.68
CA SER A 19 -2.21 -2.18 20.09
C SER A 19 -2.29 -3.10 18.88
N LEU A 20 -1.24 -3.91 18.70
CA LEU A 20 -1.21 -4.91 17.63
C LEU A 20 -0.65 -6.20 18.18
N SER A 21 -1.05 -7.30 17.56
CA SER A 21 -0.57 -8.63 17.93
C SER A 21 -0.17 -9.40 16.68
N CYS A 22 0.63 -10.43 16.90
CA CYS A 22 1.20 -11.25 15.83
C CYS A 22 1.23 -12.69 16.35
N THR A 23 0.62 -13.60 15.59
CA THR A 23 0.53 -15.00 15.96
C THR A 23 1.40 -15.84 15.04
N VAL A 24 2.20 -16.72 15.62
CA VAL A 24 3.22 -17.47 14.89
C VAL A 24 2.70 -18.89 14.65
N SER A 25 2.73 -19.32 13.39
CA SER A 25 2.39 -20.68 12.99
C SER A 25 3.56 -21.30 12.25
N GLY A 26 3.66 -22.62 12.32
CA GLY A 26 4.71 -23.34 11.62
C GLY A 26 6.09 -23.24 12.23
N ALA A 27 6.21 -22.73 13.46
CA ALA A 27 7.49 -22.62 14.13
C ALA A 27 7.24 -22.45 15.62
N SER A 28 8.27 -22.74 16.41
CA SER A 28 8.16 -22.57 17.84
C SER A 28 8.20 -21.09 18.20
N ILE A 29 7.67 -20.76 19.38
CA ILE A 29 7.74 -19.39 19.87
C ILE A 29 9.16 -19.03 20.29
N SER A 30 10.06 -20.00 20.38
CA SER A 30 11.46 -19.77 20.67
C SER A 30 12.31 -19.72 19.40
N SER A 31 11.69 -19.74 18.23
CA SER A 31 12.44 -19.86 16.99
C SER A 31 13.12 -18.56 16.56
N TYR A 32 12.56 -17.41 16.91
CA TYR A 32 13.10 -16.14 16.45
C TYR A 32 13.08 -15.12 17.58
N TYR A 33 13.74 -13.98 17.31
CA TYR A 33 13.73 -12.80 18.15
C TYR A 33 12.62 -11.90 17.62
N TRP A 34 11.47 -11.92 18.30
CA TRP A 34 10.26 -11.32 17.71
C TRP A 34 10.31 -9.80 17.84
N SER A 35 10.05 -9.11 16.73
CA SER A 35 10.34 -7.69 16.65
C SER A 35 9.20 -6.94 15.98
N TRP A 36 9.14 -5.64 16.26
CA TRP A 36 8.20 -4.73 15.62
C TRP A 36 8.97 -3.60 14.96
N VAL A 37 8.59 -3.28 13.72
CA VAL A 37 9.14 -2.12 13.02
C VAL A 37 7.98 -1.33 12.44
N ARG A 38 8.27 -0.08 12.07
CA ARG A 38 7.28 0.76 11.41
C ARG A 38 7.97 1.59 10.35
N GLN A 39 7.17 2.09 9.40
CA GLN A 39 7.70 2.78 8.23
C GLN A 39 6.70 3.82 7.77
N SER A 40 7.22 4.93 7.24
CA SER A 40 6.42 6.02 6.72
C SER A 40 7.25 6.62 5.59
N PRO A 41 6.62 7.06 4.49
CA PRO A 41 7.41 7.40 3.29
C PRO A 41 8.53 8.40 3.52
N GLY A 42 8.30 9.42 4.33
CA GLY A 42 9.31 10.43 4.57
C GLY A 42 10.25 10.13 5.73
N LYS A 43 9.81 9.31 6.68
CA LYS A 43 10.56 9.04 7.89
C LYS A 43 11.43 7.79 7.80
N GLY A 44 11.23 6.96 6.79
CA GLY A 44 12.01 5.74 6.65
C GLY A 44 11.53 4.61 7.55
N LEU A 45 12.37 3.59 7.64
CA LEU A 45 12.09 2.41 8.47
C LEU A 45 12.69 2.61 9.86
N GLU A 46 11.94 2.19 10.89
CA GLU A 46 12.40 2.29 12.27
C GLU A 46 12.13 1.00 13.01
N TRP A 47 13.19 0.46 13.63
CA TRP A 47 13.03 -0.66 14.55
C TRP A 47 12.52 -0.15 15.89
N MET A 48 11.44 -0.75 16.38
CA MET A 48 10.82 -0.33 17.63
C MET A 48 11.29 -1.13 18.83
N GLY A 49 11.39 -2.45 18.69
CA GLY A 49 11.85 -3.28 19.79
C GLY A 49 11.71 -4.75 19.44
N SER A 50 12.33 -5.57 20.29
CA SER A 50 12.35 -7.01 20.14
C SER A 50 12.16 -7.67 21.50
N ILE A 51 11.69 -8.92 21.47
CA ILE A 51 11.41 -9.71 22.65
C ILE A 51 11.74 -11.17 22.35
N TYR A 52 12.43 -11.81 23.28
CA TYR A 52 12.68 -13.24 23.27
C TYR A 52 11.53 -13.96 23.98
N TYR A 53 11.41 -15.27 23.72
CA TYR A 53 10.32 -16.03 24.33
C TYR A 53 10.42 -16.01 25.85
N THR A 54 11.63 -15.82 26.40
CA THR A 54 11.78 -15.73 27.84
C THR A 54 11.10 -14.49 28.41
N GLY A 55 10.88 -13.47 27.57
CA GLY A 55 10.24 -12.24 27.99
C GLY A 55 11.17 -11.05 28.08
N THR A 56 12.48 -11.26 28.01
CA THR A 56 13.42 -10.14 28.00
C THR A 56 13.25 -9.33 26.73
N THR A 57 13.29 -8.00 26.88
CA THR A 57 13.01 -7.10 25.78
C THR A 57 14.21 -6.18 25.54
N THR A 58 14.22 -5.59 24.34
CA THR A 58 15.11 -4.47 24.05
C THR A 58 14.35 -3.49 23.17
N TYR A 59 14.48 -2.20 23.48
CA TYR A 59 13.67 -1.16 22.86
C TYR A 59 14.57 -0.14 22.18
N ASN A 60 14.07 0.40 21.06
CA ASN A 60 14.59 1.66 20.58
C ASN A 60 14.57 2.68 21.71
N PRO A 61 15.69 3.31 22.04
CA PRO A 61 15.71 4.19 23.22
C PRO A 61 14.72 5.32 23.15
N SER A 62 14.39 5.81 21.95
CA SER A 62 13.46 6.93 21.82
C SER A 62 12.01 6.52 21.99
N LEU A 63 11.72 5.22 22.08
CA LEU A 63 10.36 4.74 22.33
C LEU A 63 10.20 4.04 23.67
N LYS A 64 11.29 3.76 24.38
CA LYS A 64 11.22 2.92 25.57
C LYS A 64 10.25 3.46 26.61
N SER A 65 10.12 4.78 26.70
CA SER A 65 9.28 5.38 27.75
C SER A 65 7.79 5.09 27.56
N ARG A 66 7.34 4.76 26.34
CA ARG A 66 5.91 4.60 26.12
C ARG A 66 5.58 3.37 25.27
N LEU A 67 6.50 2.44 25.11
CA LEU A 67 6.28 1.23 24.33
C LEU A 67 6.49 0.01 25.21
N THR A 68 5.54 -0.93 25.17
CA THR A 68 5.70 -2.23 25.81
C THR A 68 5.46 -3.31 24.78
N ILE A 69 6.40 -4.23 24.66
CA ILE A 69 6.27 -5.41 23.83
C ILE A 69 6.17 -6.61 24.74
N SER A 70 5.20 -7.48 24.47
CA SER A 70 4.94 -8.62 25.35
C SER A 70 4.87 -9.89 24.52
N VAL A 71 4.89 -11.03 25.20
CA VAL A 71 4.80 -12.32 24.54
C VAL A 71 3.93 -13.23 25.39
N ASP A 72 3.02 -13.95 24.73
CA ASP A 72 2.19 -14.99 25.34
C ASP A 72 2.58 -16.29 24.63
N THR A 73 3.45 -17.06 25.29
CA THR A 73 3.90 -18.33 24.72
C THR A 73 2.76 -19.33 24.67
N SER A 74 1.79 -19.22 25.58
CA SER A 74 0.63 -20.12 25.57
C SER A 74 -0.15 -19.98 24.27
N LYS A 75 -0.33 -18.76 23.78
CA LYS A 75 -1.05 -18.51 22.54
C LYS A 75 -0.13 -18.40 21.34
N ASN A 76 1.18 -18.57 21.53
CA ASN A 76 2.16 -18.42 20.45
C ASN A 76 2.08 -17.05 19.80
N GLN A 77 1.92 -16.01 20.61
CA GLN A 77 1.76 -14.67 20.06
C GLN A 77 2.70 -13.71 20.77
N PHE A 78 3.00 -12.61 20.09
CA PHE A 78 3.65 -11.47 20.72
C PHE A 78 2.93 -10.21 20.30
N SER A 79 3.09 -9.16 21.10
CA SER A 79 2.22 -8.00 20.98
C SER A 79 2.99 -6.72 21.24
N LEU A 80 2.41 -5.63 20.73
CA LEU A 80 2.90 -4.27 20.87
C LEU A 80 1.79 -3.42 21.45
N LYS A 81 2.13 -2.63 22.47
CA LYS A 81 1.27 -1.57 22.99
C LYS A 81 2.08 -0.29 23.05
N LEU A 82 1.68 0.72 22.28
CA LEU A 82 2.29 2.03 22.28
C LEU A 82 1.33 3.01 22.93
N ASN A 83 1.82 3.75 23.93
CA ASN A 83 0.97 4.63 24.73
C ASN A 83 1.13 6.09 24.32
N SER A 84 0.16 6.89 24.74
CA SER A 84 0.09 8.32 24.46
C SER A 84 0.47 8.64 23.02
N VAL A 85 -0.26 8.01 22.10
CA VAL A 85 0.04 8.14 20.69
C VAL A 85 -0.51 9.46 20.14
N THR A 86 0.10 9.92 19.05
CA THR A 86 -0.33 11.09 18.31
C THR A 86 -0.28 10.77 16.83
N ALA A 87 -0.67 11.73 16.00
CA ALA A 87 -0.62 11.55 14.55
C ALA A 87 0.79 11.25 14.06
N ALA A 88 1.82 11.62 14.83
CA ALA A 88 3.19 11.26 14.49
C ALA A 88 3.43 9.77 14.52
N ASP A 89 2.52 8.98 15.10
CA ASP A 89 2.65 7.54 15.15
C ASP A 89 1.95 6.83 14.01
N THR A 90 1.37 7.58 13.07
CA THR A 90 0.82 7.00 11.85
C THR A 90 1.93 6.31 11.07
N ALA A 91 1.71 5.03 10.74
CA ALA A 91 2.77 4.31 10.04
C ALA A 91 2.27 2.96 9.57
N VAL A 92 3.06 2.34 8.69
CA VAL A 92 2.91 0.93 8.36
C VAL A 92 3.67 0.14 9.42
N TYR A 93 2.94 -0.64 10.21
CA TYR A 93 3.52 -1.43 11.29
C TYR A 93 3.66 -2.88 10.84
N SER A 94 4.83 -3.46 11.06
CA SER A 94 5.14 -4.82 10.65
C SER A 94 5.76 -5.59 11.81
N CYS A 95 5.31 -6.83 12.00
CA CYS A 95 5.96 -7.76 12.92
C CYS A 95 6.91 -8.65 12.14
N ALA A 96 7.93 -9.15 12.84
CA ALA A 96 8.95 -9.96 12.19
C ALA A 96 9.58 -10.88 13.21
N GLY A 97 10.24 -11.92 12.70
CA GLY A 97 11.12 -12.72 13.51
C GLY A 97 12.55 -12.57 13.04
N LEU A 98 13.44 -12.09 13.90
CA LEU A 98 14.83 -11.86 13.54
C LEU A 98 15.70 -13.00 14.06
N ASP A 99 16.91 -13.11 13.52
CA ASP A 99 17.76 -14.26 13.75
C ASP A 99 18.87 -14.03 14.76
N ARG A 100 18.80 -12.96 15.56
CA ARG A 100 19.95 -12.55 16.37
C ARG A 100 20.45 -13.67 17.28
N PHE A 101 19.55 -14.52 17.78
CA PHE A 101 19.90 -15.51 18.79
C PHE A 101 19.86 -16.95 18.28
N ASN A 102 19.94 -17.16 16.96
CA ASN A 102 19.96 -18.50 16.39
C ASN A 102 21.32 -18.77 15.76
N TRP A 103 21.90 -19.94 16.09
CA TRP A 103 23.14 -20.35 15.43
C TRP A 103 22.91 -20.64 13.95
N ASN A 104 21.77 -21.26 13.62
CA ASN A 104 21.45 -21.62 12.24
C ASN A 104 20.63 -20.47 11.65
N ASP A 105 21.33 -19.54 11.01
CA ASP A 105 20.71 -18.35 10.43
C ASP A 105 20.21 -18.68 9.04
N GLU A 106 18.88 -18.73 8.87
CA GLU A 106 18.26 -19.03 7.60
C GLU A 106 17.48 -17.84 7.03
N GLY A 107 17.66 -16.65 7.61
CA GLY A 107 16.91 -15.49 7.20
C GLY A 107 15.76 -15.21 8.15
N ASP A 108 15.33 -13.95 8.16
CA ASP A 108 14.24 -13.54 9.02
C ASP A 108 12.90 -13.85 8.37
N CYS A 109 11.88 -13.99 9.21
CA CYS A 109 10.51 -14.19 8.74
C CYS A 109 9.72 -12.91 9.02
N TRP A 110 8.95 -12.47 8.02
CA TRP A 110 8.28 -11.18 8.07
C TRP A 110 6.78 -11.38 7.97
N GLY A 111 6.05 -10.72 8.86
CA GLY A 111 4.61 -10.69 8.78
C GLY A 111 4.13 -9.69 7.73
N GLN A 112 2.85 -9.37 7.82
CA GLN A 112 2.26 -8.38 6.94
C GLN A 112 2.41 -6.99 7.53
N GLY A 113 2.54 -5.99 6.65
CA GLY A 113 2.55 -4.61 7.07
C GLY A 113 1.14 -4.04 7.06
N THR A 114 0.81 -3.30 8.11
CA THR A 114 -0.53 -2.76 8.30
C THR A 114 -0.43 -1.25 8.50
N LEU A 115 -1.04 -0.48 7.60
CA LEU A 115 -1.18 0.95 7.85
C LEU A 115 -2.09 1.14 9.05
N VAL A 116 -1.57 1.83 10.07
CA VAL A 116 -2.36 2.27 11.20
C VAL A 116 -2.22 3.79 11.26
N THR A 117 -3.33 4.48 11.02
CA THR A 117 -3.41 5.93 11.10
C THR A 117 -3.81 6.32 12.51
N VAL A 118 -3.04 7.23 13.11
CA VAL A 118 -3.44 7.86 14.36
C VAL A 118 -3.95 9.25 14.03
N PHE A 119 -5.15 9.55 14.52
CA PHE A 119 -5.88 10.74 14.13
C PHE A 119 -6.75 11.18 15.28
N SER A 120 -7.07 12.48 15.33
CA SER A 120 -7.95 13.00 16.36
C SER A 120 -9.32 13.40 15.85
N ALA A 121 -9.47 13.59 14.54
CA ALA A 121 -10.79 13.82 13.97
C ALA A 121 -11.67 12.58 14.13
N SER A 122 -12.95 12.73 13.79
CA SER A 122 -13.91 11.66 14.00
C SER A 122 -13.81 10.60 12.90
N THR A 123 -14.07 9.35 13.28
CA THR A 123 -14.03 8.25 12.32
C THR A 123 -15.26 8.28 11.43
N LYS A 124 -15.07 7.97 10.15
CA LYS A 124 -16.13 7.95 9.15
C LYS A 124 -16.07 6.65 8.36
N GLY A 125 -17.16 5.89 8.39
CA GLY A 125 -17.24 4.67 7.62
C GLY A 125 -17.65 4.94 6.17
N PRO A 126 -17.39 3.99 5.29
CA PRO A 126 -17.67 4.21 3.87
C PRO A 126 -19.12 3.91 3.52
N SER A 127 -19.56 4.51 2.42
CA SER A 127 -20.77 4.10 1.72
C SER A 127 -20.35 3.51 0.38
N VAL A 128 -20.81 2.30 0.09
CA VAL A 128 -20.35 1.56 -1.09
C VAL A 128 -21.48 1.47 -2.10
N PHE A 129 -21.18 1.80 -3.35
CA PHE A 129 -22.15 1.75 -4.43
C PHE A 129 -21.63 0.94 -5.61
N PRO A 130 -22.50 0.22 -6.29
CA PRO A 130 -22.05 -0.61 -7.41
C PRO A 130 -21.82 0.21 -8.67
N LEU A 131 -20.76 -0.16 -9.39
CA LEU A 131 -20.44 0.40 -10.70
C LEU A 131 -20.76 -0.68 -11.73
N ALA A 132 -21.93 -0.57 -12.34
CA ALA A 132 -22.49 -1.65 -13.15
C ALA A 132 -21.61 -1.92 -14.38
N PRO A 133 -21.61 -3.17 -14.87
CA PRO A 133 -20.70 -3.54 -15.96
C PRO A 133 -20.80 -2.61 -17.16
N SER A 134 -19.64 -2.24 -17.70
CA SER A 134 -19.56 -1.48 -18.95
C SER A 134 -18.47 -2.10 -19.83
N SER A 135 -18.82 -2.32 -21.09
CA SER A 135 -17.93 -2.96 -22.06
C SER A 135 -17.17 -1.98 -22.92
N LYS A 136 -17.47 -0.67 -22.83
CA LYS A 136 -16.98 0.29 -23.81
C LYS A 136 -15.46 0.33 -23.89
N SER A 137 -14.79 0.23 -22.74
CA SER A 137 -13.35 0.51 -22.69
C SER A 137 -12.47 -0.72 -22.55
N THR A 138 -13.04 -1.93 -22.59
CA THR A 138 -12.28 -3.15 -22.35
C THR A 138 -12.06 -3.90 -23.67
N SER A 139 -11.24 -4.94 -23.57
CA SER A 139 -10.96 -5.80 -24.72
C SER A 139 -12.24 -6.49 -25.18
N GLY A 140 -12.18 -7.08 -26.37
CA GLY A 140 -13.28 -7.89 -26.84
C GLY A 140 -13.56 -9.03 -25.87
N GLY A 141 -14.85 -9.26 -25.61
CA GLY A 141 -15.28 -10.36 -24.78
C GLY A 141 -15.22 -10.12 -23.28
N THR A 142 -14.85 -8.93 -22.84
CA THR A 142 -14.76 -8.62 -21.42
C THR A 142 -15.50 -7.32 -21.12
N ALA A 143 -15.77 -7.10 -19.83
CA ALA A 143 -16.43 -5.90 -19.36
C ALA A 143 -15.84 -5.52 -18.01
N ALA A 144 -15.86 -4.22 -17.71
CA ALA A 144 -15.36 -3.70 -16.45
C ALA A 144 -16.53 -3.38 -15.54
N LEU A 145 -16.45 -3.87 -14.29
CA LEU A 145 -17.43 -3.52 -13.28
C LEU A 145 -16.67 -3.15 -12.01
N GLY A 146 -17.33 -2.53 -11.06
CA GLY A 146 -16.57 -2.13 -9.89
C GLY A 146 -17.43 -1.71 -8.72
N CYS A 147 -16.77 -1.09 -7.75
CA CYS A 147 -17.36 -0.59 -6.53
C CYS A 147 -16.78 0.76 -6.20
N LEU A 148 -17.67 1.71 -5.92
CA LEU A 148 -17.31 3.04 -5.46
C LEU A 148 -17.41 3.08 -3.93
N VAL A 149 -16.31 3.45 -3.29
CA VAL A 149 -16.19 3.45 -1.83
C VAL A 149 -16.07 4.90 -1.40
N LYS A 150 -17.15 5.46 -0.87
CA LYS A 150 -17.33 6.88 -0.67
C LYS A 150 -17.12 7.30 0.78
N ASP A 151 -16.40 8.41 0.96
CA ASP A 151 -16.46 9.27 2.15
C ASP A 151 -16.14 8.52 3.44
N TYR A 152 -14.93 7.97 3.48
CA TYR A 152 -14.47 7.30 4.68
C TYR A 152 -13.24 8.02 5.23
N PHE A 153 -12.89 7.67 6.46
CA PHE A 153 -11.80 8.32 7.17
C PHE A 153 -11.47 7.51 8.43
N PRO A 154 -10.19 7.18 8.66
CA PRO A 154 -9.03 7.46 7.82
C PRO A 154 -8.75 6.31 6.87
N GLU A 155 -7.63 6.38 6.16
CA GLU A 155 -7.15 5.22 5.44
C GLU A 155 -6.66 4.19 6.46
N PRO A 156 -6.65 2.89 6.08
CA PRO A 156 -7.00 2.31 4.79
C PRO A 156 -8.36 1.62 4.77
N VAL A 157 -8.89 1.38 3.57
CA VAL A 157 -9.88 0.35 3.35
C VAL A 157 -9.22 -0.72 2.51
N THR A 158 -9.71 -1.95 2.64
CA THR A 158 -9.31 -3.03 1.76
C THR A 158 -10.51 -3.52 0.98
N VAL A 159 -10.28 -3.91 -0.27
CA VAL A 159 -11.32 -4.42 -1.14
C VAL A 159 -10.85 -5.75 -1.72
N SER A 160 -11.66 -6.78 -1.55
CA SER A 160 -11.50 -8.05 -2.25
C SER A 160 -12.75 -8.30 -3.07
N TRP A 161 -12.72 -9.35 -3.89
CA TRP A 161 -13.87 -9.67 -4.74
C TRP A 161 -14.24 -11.13 -4.56
N ASN A 162 -15.54 -11.38 -4.35
CA ASN A 162 -16.06 -12.71 -4.11
C ASN A 162 -15.26 -13.42 -3.03
N SER A 163 -15.02 -12.69 -1.94
CA SER A 163 -14.32 -13.19 -0.75
C SER A 163 -12.93 -13.74 -1.10
N GLY A 164 -12.28 -13.15 -2.09
CA GLY A 164 -10.94 -13.53 -2.46
C GLY A 164 -10.83 -14.53 -3.60
N ALA A 165 -11.95 -15.13 -4.02
CA ALA A 165 -11.89 -16.12 -5.10
C ALA A 165 -11.59 -15.48 -6.45
N LEU A 166 -11.87 -14.19 -6.62
CA LEU A 166 -11.61 -13.47 -7.85
C LEU A 166 -10.45 -12.51 -7.62
N THR A 167 -9.33 -12.74 -8.30
CA THR A 167 -8.14 -11.91 -8.15
C THR A 167 -7.65 -11.40 -9.50
N SER A 168 -7.82 -12.21 -10.54
CA SER A 168 -7.38 -11.83 -11.87
C SER A 168 -8.18 -10.64 -12.38
N GLY A 169 -7.47 -9.62 -12.85
CA GLY A 169 -8.13 -8.47 -13.43
C GLY A 169 -8.62 -7.43 -12.45
N VAL A 170 -8.26 -7.55 -11.18
CA VAL A 170 -8.69 -6.59 -10.16
C VAL A 170 -7.70 -5.45 -10.11
N HIS A 171 -8.22 -4.23 -10.10
CA HIS A 171 -7.42 -3.02 -9.91
C HIS A 171 -8.16 -2.11 -8.95
N THR A 172 -7.62 -1.99 -7.74
CA THR A 172 -8.14 -1.06 -6.72
C THR A 172 -7.29 0.20 -6.78
N PHE A 173 -7.90 1.30 -7.20
CA PHE A 173 -7.18 2.54 -7.41
C PHE A 173 -6.84 3.21 -6.09
N PRO A 174 -5.79 4.02 -6.05
CA PRO A 174 -5.51 4.81 -4.85
C PRO A 174 -6.66 5.77 -4.54
N ALA A 175 -6.86 6.01 -3.25
CA ALA A 175 -7.96 6.86 -2.80
C ALA A 175 -7.69 8.31 -3.18
N VAL A 176 -8.77 9.06 -3.35
CA VAL A 176 -8.67 10.51 -3.51
C VAL A 176 -8.92 11.15 -2.15
N LEU A 177 -8.16 12.20 -1.86
CA LEU A 177 -8.41 13.02 -0.67
C LEU A 177 -9.33 14.16 -1.08
N GLN A 178 -10.55 14.16 -0.58
CA GLN A 178 -11.51 15.19 -0.95
C GLN A 178 -11.22 16.48 -0.19
N SER A 179 -11.79 17.58 -0.70
CA SER A 179 -11.67 18.86 -0.01
C SER A 179 -12.27 18.78 1.39
N SER A 180 -13.27 17.92 1.59
CA SER A 180 -13.85 17.68 2.90
C SER A 180 -12.86 17.05 3.87
N GLY A 181 -11.74 16.54 3.39
CA GLY A 181 -10.84 15.76 4.22
C GLY A 181 -11.18 14.29 4.32
N LEU A 182 -12.24 13.85 3.66
CA LEU A 182 -12.59 12.42 3.60
C LEU A 182 -12.00 11.79 2.34
N TYR A 183 -11.98 10.47 2.32
CA TYR A 183 -11.44 9.70 1.21
C TYR A 183 -12.54 8.97 0.46
N SER A 184 -12.30 8.76 -0.84
CA SER A 184 -13.06 7.84 -1.66
C SER A 184 -12.09 7.09 -2.57
N LEU A 185 -12.42 5.85 -2.89
CA LEU A 185 -11.66 5.10 -3.88
C LEU A 185 -12.61 4.27 -4.72
N SER A 186 -12.08 3.69 -5.79
CA SER A 186 -12.85 2.78 -6.64
C SER A 186 -12.04 1.52 -6.88
N SER A 187 -12.72 0.38 -6.91
CA SER A 187 -12.09 -0.88 -7.26
C SER A 187 -12.84 -1.47 -8.45
N VAL A 188 -12.11 -1.80 -9.51
CA VAL A 188 -12.72 -2.30 -10.74
C VAL A 188 -12.08 -3.63 -11.11
N VAL A 189 -12.88 -4.55 -11.60
CA VAL A 189 -12.40 -5.84 -12.09
C VAL A 189 -12.95 -6.04 -13.49
N THR A 190 -12.11 -6.59 -14.36
CA THR A 190 -12.47 -6.90 -15.74
C THR A 190 -12.78 -8.39 -15.82
N VAL A 191 -13.97 -8.72 -16.30
CA VAL A 191 -14.50 -10.08 -16.25
C VAL A 191 -15.03 -10.45 -17.63
N PRO A 192 -15.21 -11.74 -17.89
CA PRO A 192 -15.79 -12.16 -19.17
C PRO A 192 -17.23 -11.66 -19.32
N SER A 193 -17.52 -11.07 -20.49
CA SER A 193 -18.87 -10.58 -20.76
C SER A 193 -19.88 -11.72 -20.74
N SER A 194 -19.49 -12.90 -21.22
CA SER A 194 -20.39 -14.05 -21.23
C SER A 194 -20.82 -14.46 -19.82
N SER A 195 -20.07 -14.06 -18.80
CA SER A 195 -20.38 -14.45 -17.42
C SER A 195 -21.40 -13.55 -16.76
N LEU A 196 -21.72 -12.41 -17.35
CA LEU A 196 -22.59 -11.44 -16.70
C LEU A 196 -24.01 -11.97 -16.60
N GLY A 197 -24.61 -11.85 -15.42
CA GLY A 197 -25.95 -12.34 -15.18
C GLY A 197 -26.05 -13.81 -14.83
N THR A 198 -24.96 -14.57 -14.91
CA THR A 198 -24.88 -15.89 -14.30
C THR A 198 -23.86 -15.93 -13.17
N GLN A 199 -22.65 -15.41 -13.40
CA GLN A 199 -21.69 -15.27 -12.32
C GLN A 199 -22.05 -14.06 -11.47
N THR A 200 -22.12 -14.28 -10.16
CA THR A 200 -22.36 -13.19 -9.21
C THR A 200 -21.04 -12.53 -8.84
N TYR A 201 -21.05 -11.21 -8.77
CA TYR A 201 -19.86 -10.43 -8.43
C TYR A 201 -20.16 -9.56 -7.22
N ILE A 202 -19.36 -9.72 -6.17
CA ILE A 202 -19.54 -9.01 -4.91
C ILE A 202 -18.20 -8.42 -4.49
N CYS A 203 -18.18 -7.13 -4.20
CA CYS A 203 -16.98 -6.53 -3.65
C CYS A 203 -17.09 -6.51 -2.12
N ASN A 204 -16.05 -7.00 -1.47
CA ASN A 204 -15.95 -7.06 -0.02
C ASN A 204 -15.06 -5.91 0.44
N VAL A 205 -15.70 -4.89 1.02
CA VAL A 205 -15.05 -3.69 1.51
C VAL A 205 -14.93 -3.79 3.02
N ASN A 206 -13.72 -3.59 3.53
CA ASN A 206 -13.48 -3.58 4.96
C ASN A 206 -12.76 -2.29 5.34
N HIS A 207 -13.35 -1.57 6.30
CA HIS A 207 -12.77 -0.37 6.88
C HIS A 207 -12.63 -0.66 8.38
N LYS A 208 -11.45 -1.14 8.77
CA LYS A 208 -11.20 -1.52 10.16
C LYS A 208 -11.34 -0.36 11.14
N PRO A 209 -10.84 0.86 10.87
CA PRO A 209 -10.98 1.93 11.87
C PRO A 209 -12.43 2.16 12.30
N SER A 210 -13.39 2.03 11.38
CA SER A 210 -14.79 2.18 11.70
C SER A 210 -15.48 0.86 12.00
N ASN A 211 -14.77 -0.26 11.93
CA ASN A 211 -15.36 -1.59 12.14
C ASN A 211 -16.49 -1.87 11.15
N THR A 212 -16.33 -1.41 9.91
CA THR A 212 -17.40 -1.55 8.93
C THR A 212 -16.99 -2.52 7.83
N LYS A 213 -17.90 -3.41 7.46
CA LYS A 213 -17.74 -4.30 6.32
C LYS A 213 -18.99 -4.22 5.46
N VAL A 214 -18.80 -4.03 4.16
CA VAL A 214 -19.90 -4.04 3.18
C VAL A 214 -19.58 -5.06 2.12
N ASP A 215 -20.52 -5.97 1.86
CA ASP A 215 -20.44 -6.87 0.72
C ASP A 215 -21.46 -6.38 -0.29
N LYS A 216 -21.00 -5.73 -1.34
CA LYS A 216 -21.88 -5.05 -2.29
C LYS A 216 -21.96 -5.89 -3.56
N LYS A 217 -23.18 -6.29 -3.91
CA LYS A 217 -23.43 -7.05 -5.13
C LYS A 217 -23.53 -6.11 -6.32
N VAL A 218 -22.77 -6.40 -7.36
CA VAL A 218 -22.70 -5.58 -8.57
C VAL A 218 -23.36 -6.36 -9.69
N GLU A 219 -24.49 -5.85 -10.19
CA GLU A 219 -25.28 -6.49 -11.22
C GLU A 219 -25.30 -5.64 -12.49
N PRO A 220 -25.57 -6.24 -13.64
CA PRO A 220 -25.75 -5.44 -14.86
C PRO A 220 -26.98 -4.54 -14.74
N LYS A 221 -26.90 -3.36 -15.35
CA LYS A 221 -28.03 -2.45 -15.38
C LYS A 221 -29.06 -2.93 -16.39
N SER A 222 -30.34 -2.89 -16.01
CA SER A 222 -31.39 -3.40 -16.89
C SER A 222 -32.66 -2.58 -16.70
N CYS A 223 -33.68 -2.92 -17.50
CA CYS A 223 -34.95 -2.20 -17.55
C CYS A 223 -34.76 -0.74 -17.94
N GLN B 1 18.71 3.83 18.00
CA GLN B 1 19.25 4.09 16.69
C GLN B 1 20.58 4.89 16.61
N SER B 2 21.51 4.28 15.90
CA SER B 2 22.78 4.89 15.53
C SER B 2 22.61 5.26 14.06
N VAL B 3 23.71 5.44 13.35
CA VAL B 3 23.56 5.87 11.97
C VAL B 3 24.15 4.96 10.92
N LEU B 4 23.34 4.46 10.00
CA LEU B 4 23.87 3.70 8.87
C LEU B 4 23.75 4.65 7.69
N THR B 5 24.85 5.04 7.10
CA THR B 5 24.66 6.02 6.05
C THR B 5 24.71 5.48 4.64
N GLN B 6 23.63 5.81 3.97
CA GLN B 6 23.20 5.51 2.59
C GLN B 6 22.91 6.74 1.69
N PRO B 7 23.34 6.75 0.43
CA PRO B 7 22.99 7.83 -0.48
C PRO B 7 21.49 7.89 -0.66
N PRO B 8 20.93 9.09 -0.82
CA PRO B 8 19.47 9.20 -0.91
C PRO B 8 18.89 8.58 -2.17
N SER B 9 19.64 8.51 -3.26
CA SER B 9 19.08 8.04 -4.52
C SER B 9 20.15 7.36 -5.37
N ALA B 10 19.67 6.46 -6.23
CA ALA B 10 20.49 5.82 -7.25
C ALA B 10 19.59 5.57 -8.46
N SER B 11 20.21 5.42 -9.63
CA SER B 11 19.42 5.28 -10.84
C SER B 11 20.23 4.62 -11.93
N GLY B 12 19.50 4.09 -12.92
CA GLY B 12 20.12 3.50 -14.10
C GLY B 12 19.08 3.27 -15.16
N THR B 13 19.55 2.90 -16.36
CA THR B 13 18.66 2.50 -17.43
C THR B 13 18.41 1.00 -17.35
N PRO B 14 17.37 0.50 -18.03
CA PRO B 14 17.10 -0.94 -17.99
C PRO B 14 18.30 -1.75 -18.47
N GLY B 15 18.62 -2.80 -17.72
CA GLY B 15 19.74 -3.65 -18.01
C GLY B 15 21.02 -3.28 -17.31
N GLN B 16 21.13 -2.07 -16.77
CA GLN B 16 22.35 -1.63 -16.14
C GLN B 16 22.51 -2.26 -14.75
N ARG B 17 23.68 -2.04 -14.16
CA ARG B 17 23.98 -2.47 -12.80
C ARG B 17 24.04 -1.25 -11.91
N VAL B 18 23.32 -1.30 -10.79
CA VAL B 18 23.24 -0.19 -9.84
C VAL B 18 23.69 -0.69 -8.49
N THR B 19 24.63 0.02 -7.87
CA THR B 19 25.13 -0.34 -6.55
C THR B 19 24.70 0.71 -5.53
N ILE B 20 24.33 0.24 -4.35
CA ILE B 20 23.84 1.05 -3.25
C ILE B 20 24.77 0.80 -2.06
N SER B 21 25.25 1.88 -1.46
CA SER B 21 26.24 1.75 -0.39
C SER B 21 25.60 2.01 0.97
N CYS B 22 26.25 1.46 1.99
CA CYS B 22 25.81 1.54 3.38
C CYS B 22 27.05 1.77 4.22
N SER B 23 27.10 2.90 4.92
CA SER B 23 28.29 3.30 5.67
C SER B 23 27.95 3.34 7.15
N GLY B 24 28.59 2.47 7.92
CA GLY B 24 28.36 2.43 9.35
C GLY B 24 29.62 2.71 10.16
N SER B 25 29.73 2.06 11.31
CA SER B 25 30.83 2.30 12.22
C SER B 25 31.30 0.98 12.81
N ARG B 26 32.36 1.06 13.62
CA ARG B 26 32.96 -0.11 14.23
C ARG B 26 31.94 -0.94 15.01
N SER B 27 31.03 -0.28 15.72
CA SER B 27 30.15 -1.01 16.63
C SER B 27 28.91 -1.59 15.97
N ASN B 28 28.57 -1.19 14.72
CA ASN B 28 27.50 -1.86 14.00
C ASN B 28 28.14 -2.70 12.91
N LEU B 29 28.34 -2.17 11.70
CA LEU B 29 28.85 -2.99 10.60
C LEU B 29 30.21 -3.58 10.88
N GLY B 30 31.02 -2.91 11.71
CA GLY B 30 32.35 -3.40 12.00
C GLY B 30 32.37 -4.73 12.72
N ARG B 31 31.30 -5.08 13.43
CA ARG B 31 31.25 -6.31 14.22
C ARG B 31 29.95 -7.07 14.04
N ASN B 32 29.18 -6.78 13.00
CA ASN B 32 27.88 -7.41 12.81
C ASN B 32 27.63 -7.61 11.33
N THR B 33 26.83 -8.62 11.01
CA THR B 33 26.42 -8.85 9.64
C THR B 33 25.41 -7.79 9.21
N VAL B 34 25.18 -7.69 7.89
CA VAL B 34 24.26 -6.71 7.33
C VAL B 34 23.16 -7.43 6.57
N ASN B 35 21.96 -6.88 6.63
CA ASN B 35 20.82 -7.30 5.82
C ASN B 35 20.43 -6.16 4.88
N TRP B 36 19.81 -6.53 3.76
CA TRP B 36 19.21 -5.57 2.84
C TRP B 36 17.74 -5.90 2.61
N TYR B 37 16.93 -4.84 2.62
CA TYR B 37 15.49 -4.89 2.42
C TYR B 37 15.07 -4.00 1.26
N GLN B 38 14.04 -4.45 0.57
CA GLN B 38 13.34 -3.68 -0.46
C GLN B 38 12.01 -3.22 0.12
N GLN B 39 11.73 -1.92 -0.01
CA GLN B 39 10.55 -1.29 0.56
C GLN B 39 9.74 -0.67 -0.57
N LEU B 40 8.53 -1.19 -0.76
CA LEU B 40 7.49 -0.66 -1.63
C LEU B 40 6.42 -0.01 -0.76
N PRO B 41 5.60 0.88 -1.33
CA PRO B 41 4.62 1.60 -0.51
C PRO B 41 3.56 0.68 0.09
N GLY B 42 3.25 0.93 1.37
CA GLY B 42 2.09 0.37 2.02
C GLY B 42 2.20 -1.06 2.48
N VAL B 43 3.37 -1.69 2.39
CA VAL B 43 3.53 -3.09 2.78
C VAL B 43 4.76 -3.21 3.68
N ALA B 44 4.92 -4.41 4.25
CA ALA B 44 6.09 -4.71 5.04
C ALA B 44 7.34 -4.68 4.16
N PRO B 45 8.50 -4.45 4.76
CA PRO B 45 9.74 -4.55 3.98
C PRO B 45 9.98 -5.99 3.55
N LYS B 46 10.71 -6.13 2.45
CA LYS B 46 11.01 -7.43 1.87
C LYS B 46 12.51 -7.69 2.00
N LEU B 47 12.85 -8.82 2.62
CA LEU B 47 14.25 -9.18 2.83
C LEU B 47 14.88 -9.64 1.52
N LEU B 48 15.89 -8.91 1.07
CA LEU B 48 16.65 -9.28 -0.12
C LEU B 48 17.93 -10.02 0.21
N ILE B 49 18.69 -9.53 1.19
CA ILE B 49 19.98 -10.12 1.53
C ILE B 49 20.04 -10.26 3.04
N TYR B 50 20.54 -11.39 3.51
CA TYR B 50 20.85 -11.57 4.92
C TYR B 50 22.23 -12.20 5.06
N SER B 51 22.83 -12.00 6.23
CA SER B 51 24.16 -12.52 6.50
C SER B 51 25.15 -12.07 5.43
N ASN B 52 25.11 -10.77 5.13
CA ASN B 52 26.01 -10.07 4.21
C ASN B 52 25.71 -10.35 2.74
N SER B 53 25.46 -11.62 2.38
CA SER B 53 25.44 -11.97 0.97
C SER B 53 24.49 -13.09 0.61
N ARG B 54 23.71 -13.61 1.55
CA ARG B 54 22.85 -14.77 1.29
C ARG B 54 21.45 -14.31 0.91
N ARG B 55 20.87 -14.98 -0.09
CA ARG B 55 19.57 -14.60 -0.62
C ARG B 55 18.50 -15.57 -0.13
N PRO B 56 17.42 -15.08 0.47
CA PRO B 56 16.30 -15.95 0.77
C PRO B 56 15.69 -16.52 -0.50
N SER B 57 14.89 -17.58 -0.34
CA SER B 57 14.22 -18.19 -1.48
C SER B 57 13.38 -17.17 -2.22
N GLY B 58 13.45 -17.24 -3.55
CA GLY B 58 12.63 -16.37 -4.39
C GLY B 58 13.24 -15.03 -4.74
N VAL B 59 14.41 -14.72 -4.21
CA VAL B 59 15.12 -13.48 -4.54
C VAL B 59 16.09 -13.78 -5.66
N PRO B 60 16.01 -13.09 -6.81
CA PRO B 60 16.86 -13.43 -7.95
C PRO B 60 18.33 -13.18 -7.66
N ASP B 61 19.20 -13.96 -8.32
CA ASP B 61 20.63 -13.84 -8.07
C ASP B 61 21.22 -12.56 -8.62
N ARG B 62 20.47 -11.77 -9.40
CA ARG B 62 20.97 -10.46 -9.82
C ARG B 62 21.05 -9.48 -8.65
N PHE B 63 20.47 -9.81 -7.50
CA PHE B 63 20.72 -9.10 -6.27
C PHE B 63 21.89 -9.77 -5.55
N SER B 64 22.95 -9.01 -5.27
CA SER B 64 24.11 -9.56 -4.58
C SER B 64 24.61 -8.55 -3.57
N GLY B 65 25.05 -9.03 -2.41
CA GLY B 65 25.56 -8.17 -1.37
C GLY B 65 27.00 -8.48 -1.06
N SER B 66 27.75 -7.44 -0.70
CA SER B 66 29.12 -7.60 -0.21
C SER B 66 29.34 -6.68 0.98
N LYS B 67 30.44 -6.90 1.68
CA LYS B 67 30.69 -6.25 2.95
C LYS B 67 32.19 -5.98 3.06
N SER B 68 32.54 -4.80 3.56
CA SER B 68 33.94 -4.42 3.66
C SER B 68 34.14 -3.42 4.78
N ASP B 69 35.00 -3.76 5.75
CA ASP B 69 35.40 -2.83 6.81
C ASP B 69 34.20 -2.42 7.66
N THR B 70 33.76 -1.17 7.53
CA THR B 70 32.56 -0.69 8.23
C THR B 70 31.47 -0.28 7.24
N SER B 71 31.48 -0.86 6.05
CA SER B 71 30.56 -0.53 4.98
C SER B 71 30.02 -1.82 4.37
N ALA B 72 28.97 -1.67 3.56
CA ALA B 72 28.36 -2.78 2.84
C ALA B 72 27.78 -2.24 1.55
N SER B 73 27.53 -3.15 0.61
CA SER B 73 27.09 -2.74 -0.73
C SER B 73 26.10 -3.74 -1.28
N LEU B 74 25.01 -3.23 -1.84
CA LEU B 74 24.03 -4.02 -2.58
C LEU B 74 24.19 -3.73 -4.07
N ALA B 75 24.29 -4.78 -4.87
CA ALA B 75 24.39 -4.65 -6.31
C ALA B 75 23.16 -5.27 -6.97
N ILE B 76 22.48 -4.48 -7.79
CA ILE B 76 21.33 -4.90 -8.57
C ILE B 76 21.76 -4.85 -10.02
N SER B 77 22.07 -6.01 -10.60
CA SER B 77 22.35 -6.09 -12.02
C SER B 77 21.07 -6.41 -12.79
N GLY B 78 21.13 -6.25 -14.10
CA GLY B 78 19.95 -6.42 -14.92
C GLY B 78 18.78 -5.57 -14.46
N LEU B 79 19.04 -4.31 -14.12
CA LEU B 79 18.05 -3.41 -13.56
C LEU B 79 16.76 -3.45 -14.36
N GLN B 80 15.64 -3.64 -13.66
CA GLN B 80 14.32 -3.71 -14.28
C GLN B 80 13.42 -2.65 -13.68
N SER B 81 12.32 -2.37 -14.39
CA SER B 81 11.39 -1.34 -13.93
C SER B 81 10.86 -1.65 -12.53
N GLU B 82 10.56 -2.92 -12.27
CA GLU B 82 10.01 -3.32 -10.97
C GLU B 82 10.99 -3.13 -9.83
N ASP B 83 12.27 -2.87 -10.11
CA ASP B 83 13.23 -2.62 -9.05
C ASP B 83 13.10 -1.23 -8.45
N GLU B 84 12.23 -0.37 -9.00
CA GLU B 84 12.03 0.94 -8.43
C GLU B 84 11.41 0.82 -7.04
N ALA B 85 12.17 1.22 -6.03
CA ALA B 85 11.78 1.07 -4.63
C ALA B 85 12.79 1.77 -3.73
N ASP B 86 12.56 1.71 -2.41
CA ASP B 86 13.56 2.16 -1.44
C ASP B 86 14.31 0.96 -0.91
N TYR B 87 15.62 1.05 -0.82
CA TYR B 87 16.44 -0.05 -0.34
C TYR B 87 17.12 0.37 0.95
N TYR B 88 17.02 -0.49 1.96
CA TYR B 88 17.53 -0.20 3.29
C TYR B 88 18.48 -1.29 3.73
N CYS B 89 19.70 -0.91 4.11
CA CYS B 89 20.52 -1.83 4.87
C CYS B 89 20.07 -1.83 6.33
N ALA B 90 20.53 -2.81 7.08
CA ALA B 90 20.20 -2.89 8.50
C ALA B 90 21.17 -3.81 9.18
N ALA B 91 21.47 -3.52 10.45
CA ALA B 91 22.41 -4.35 11.19
C ALA B 91 22.18 -4.12 12.68
N TRP B 92 22.54 -5.12 13.47
CA TRP B 92 22.59 -4.91 14.90
C TRP B 92 23.76 -4.00 15.27
N ASP B 93 23.57 -3.28 16.36
CA ASP B 93 24.51 -2.31 16.88
C ASP B 93 24.71 -2.63 18.34
N ASP B 94 25.97 -2.83 18.73
CA ASP B 94 26.33 -3.21 20.10
CA ASP B 94 26.32 -3.21 20.09
C ASP B 94 26.36 -1.96 20.97
N SER B 95 25.16 -1.51 21.35
CA SER B 95 24.95 -0.38 22.22
C SER B 95 23.76 -0.70 23.10
N LEU B 96 23.83 -0.32 24.38
CA LEU B 96 22.74 -0.56 25.34
C LEU B 96 22.53 -2.08 25.40
N ASN B 97 21.29 -2.56 25.41
CA ASN B 97 21.00 -3.98 25.29
C ASN B 97 21.03 -4.46 23.84
N GLY B 98 21.60 -3.68 22.92
CA GLY B 98 21.64 -4.06 21.53
C GLY B 98 20.48 -3.48 20.73
N LEU B 99 20.79 -2.72 19.69
CA LEU B 99 19.75 -2.05 18.90
C LEU B 99 19.83 -2.52 17.45
N TYR B 100 18.68 -2.75 16.82
CA TYR B 100 18.64 -3.03 15.40
C TYR B 100 18.47 -1.71 14.65
N VAL B 101 19.38 -1.44 13.72
CA VAL B 101 19.47 -0.13 13.06
C VAL B 101 19.21 -0.30 11.57
N PHE B 102 18.24 0.44 11.05
CA PHE B 102 17.99 0.54 9.63
C PHE B 102 18.77 1.72 9.06
N GLY B 103 19.29 1.56 7.85
CA GLY B 103 19.91 2.65 7.13
C GLY B 103 18.92 3.73 6.77
N THR B 104 19.43 4.82 6.21
CA THR B 104 18.60 5.96 5.86
C THR B 104 17.82 5.74 4.57
N GLY B 105 18.18 4.73 3.78
CA GLY B 105 17.40 4.37 2.60
C GLY B 105 17.84 5.01 1.31
N THR B 106 17.76 4.26 0.20
CA THR B 106 18.14 4.75 -1.12
C THR B 106 16.99 4.49 -2.07
N SER B 107 16.50 5.53 -2.74
CA SER B 107 15.45 5.38 -3.73
C SER B 107 16.07 5.11 -5.09
N VAL B 108 15.63 4.04 -5.74
CA VAL B 108 16.18 3.63 -7.02
C VAL B 108 15.18 4.00 -8.13
N THR B 109 15.65 4.78 -9.10
CA THR B 109 14.86 5.19 -10.25
C THR B 109 15.39 4.50 -11.51
N VAL B 110 14.48 3.93 -12.30
CA VAL B 110 14.85 3.35 -13.58
C VAL B 110 14.52 4.36 -14.67
N LEU B 111 15.55 4.85 -15.36
CA LEU B 111 15.43 5.94 -16.31
C LEU B 111 15.15 5.41 -17.71
N GLY B 112 14.70 6.31 -18.58
CA GLY B 112 14.52 5.99 -19.99
C GLY B 112 13.35 5.09 -20.32
N GLN B 113 12.36 5.00 -19.45
CA GLN B 113 11.20 4.18 -19.75
C GLN B 113 10.36 4.85 -20.82
N PRO B 114 9.87 4.10 -21.81
CA PRO B 114 9.12 4.73 -22.91
C PRO B 114 7.77 5.24 -22.41
N LYS B 115 7.25 6.23 -23.14
CA LYS B 115 5.95 6.73 -22.72
C LYS B 115 4.86 5.74 -23.10
N ALA B 116 3.77 5.80 -22.34
CA ALA B 116 2.64 4.89 -22.51
C ALA B 116 1.36 5.67 -22.41
N ALA B 117 0.38 5.30 -23.21
CA ALA B 117 -0.88 6.02 -23.31
C ALA B 117 -1.86 5.55 -22.24
N PRO B 118 -2.75 6.44 -21.80
CA PRO B 118 -3.72 6.05 -20.77
C PRO B 118 -4.88 5.27 -21.33
N SER B 119 -5.39 4.36 -20.50
CA SER B 119 -6.72 3.78 -20.65
C SER B 119 -7.68 4.50 -19.73
N VAL B 120 -8.84 4.89 -20.25
CA VAL B 120 -9.82 5.64 -19.49
C VAL B 120 -11.12 4.87 -19.45
N THR B 121 -11.68 4.72 -18.25
CA THR B 121 -13.01 4.16 -18.06
C THR B 121 -13.84 5.14 -17.25
N LEU B 122 -15.00 5.51 -17.76
CA LEU B 122 -15.88 6.48 -17.11
C LEU B 122 -17.19 5.81 -16.73
N PHE B 123 -17.49 5.81 -15.42
CA PHE B 123 -18.72 5.29 -14.86
C PHE B 123 -19.68 6.42 -14.51
N PRO B 124 -20.93 6.25 -14.90
CA PRO B 124 -21.99 7.18 -14.49
C PRO B 124 -22.41 6.87 -13.06
N PRO B 125 -23.25 7.71 -12.45
CA PRO B 125 -23.72 7.40 -11.10
C PRO B 125 -24.61 6.16 -11.10
N SER B 126 -24.48 5.36 -10.04
CA SER B 126 -25.34 4.20 -9.88
C SER B 126 -26.75 4.66 -9.54
N SER B 127 -27.73 3.78 -9.82
CA SER B 127 -29.11 4.10 -9.50
C SER B 127 -29.32 4.19 -7.99
N GLU B 128 -28.64 3.35 -7.22
CA GLU B 128 -28.78 3.39 -5.78
C GLU B 128 -28.21 4.69 -5.21
N GLU B 129 -27.10 5.18 -5.75
CA GLU B 129 -26.59 6.46 -5.29
C GLU B 129 -27.57 7.58 -5.57
N LEU B 130 -28.18 7.57 -6.77
CA LEU B 130 -29.22 8.53 -7.08
C LEU B 130 -30.36 8.45 -6.08
N GLN B 131 -30.74 7.23 -5.69
CA GLN B 131 -31.79 7.08 -4.69
C GLN B 131 -31.39 7.62 -3.33
N ALA B 132 -30.09 7.70 -3.04
CA ALA B 132 -29.59 8.36 -1.85
C ALA B 132 -29.38 9.86 -2.06
N ASN B 133 -29.86 10.40 -3.18
CA ASN B 133 -29.84 11.84 -3.46
CA ASN B 133 -29.85 11.84 -3.48
C ASN B 133 -28.43 12.38 -3.65
N LYS B 134 -27.52 11.58 -4.19
CA LYS B 134 -26.18 12.01 -4.54
C LYS B 134 -25.88 11.50 -5.95
N ALA B 135 -24.87 12.09 -6.59
CA ALA B 135 -24.43 11.54 -7.87
C ALA B 135 -22.93 11.74 -8.05
N THR B 136 -22.22 10.67 -8.35
CA THR B 136 -20.78 10.71 -8.56
C THR B 136 -20.43 10.11 -9.91
N LEU B 137 -19.70 10.87 -10.72
CA LEU B 137 -19.07 10.35 -11.93
C LEU B 137 -17.65 9.93 -11.63
N VAL B 138 -17.25 8.76 -12.13
CA VAL B 138 -16.00 8.12 -11.76
C VAL B 138 -15.16 7.93 -13.01
N CYS B 139 -14.06 8.67 -13.12
CA CYS B 139 -13.15 8.60 -14.26
C CYS B 139 -11.85 7.96 -13.82
N LEU B 140 -11.58 6.76 -14.32
CA LEU B 140 -10.45 5.93 -13.91
C LEU B 140 -9.45 5.86 -15.06
N ILE B 141 -8.19 6.21 -14.77
CA ILE B 141 -7.14 6.39 -15.76
C ILE B 141 -5.99 5.49 -15.37
N SER B 142 -5.54 4.63 -16.28
CA SER B 142 -4.49 3.69 -15.92
C SER B 142 -3.51 3.50 -17.07
N ASP B 143 -2.40 2.83 -16.76
CA ASP B 143 -1.44 2.31 -17.74
C ASP B 143 -0.65 3.39 -18.47
N PHE B 144 -0.58 4.61 -17.95
CA PHE B 144 0.15 5.66 -18.67
C PHE B 144 1.52 5.89 -18.03
N TYR B 145 2.38 6.57 -18.81
CA TYR B 145 3.74 6.88 -18.41
C TYR B 145 4.22 8.03 -19.28
N PRO B 146 4.89 9.06 -18.72
CA PRO B 146 5.28 9.31 -17.32
C PRO B 146 4.07 9.63 -16.45
N GLY B 147 4.31 9.97 -15.19
CA GLY B 147 3.22 10.09 -14.23
C GLY B 147 2.56 11.45 -14.15
N ALA B 148 2.15 12.00 -15.28
CA ALA B 148 1.47 13.30 -15.31
C ALA B 148 0.28 13.22 -16.26
N VAL B 149 -0.86 13.74 -15.81
CA VAL B 149 -2.05 13.87 -16.65
C VAL B 149 -2.74 15.20 -16.31
N THR B 150 -3.61 15.62 -17.22
CA THR B 150 -4.57 16.69 -16.95
C THR B 150 -5.96 16.13 -17.18
N VAL B 151 -6.87 16.41 -16.25
CA VAL B 151 -8.25 15.93 -16.37
C VAL B 151 -9.17 17.13 -16.31
N ALA B 152 -10.02 17.27 -17.33
CA ALA B 152 -11.02 18.31 -17.40
C ALA B 152 -12.39 17.68 -17.60
N TRP B 153 -13.41 18.23 -16.97
CA TRP B 153 -14.76 17.71 -17.04
C TRP B 153 -15.65 18.68 -17.80
N LYS B 154 -16.65 18.13 -18.50
CA LYS B 154 -17.59 18.96 -19.25
C LYS B 154 -19.02 18.54 -18.96
N ALA B 155 -19.89 19.55 -18.81
CA ALA B 155 -21.33 19.37 -18.79
C ALA B 155 -21.85 19.82 -20.14
N ASP B 156 -22.41 18.90 -20.91
CA ASP B 156 -22.63 19.08 -22.35
C ASP B 156 -21.26 19.37 -22.94
N SER B 157 -21.00 20.56 -23.49
CA SER B 157 -19.67 20.95 -23.91
C SER B 157 -19.13 22.15 -23.13
N SER B 158 -19.64 22.39 -21.93
CA SER B 158 -19.15 23.50 -21.13
C SER B 158 -18.20 23.00 -20.04
N PRO B 159 -17.14 23.73 -19.72
CA PRO B 159 -16.22 23.27 -18.68
C PRO B 159 -16.90 23.26 -17.32
N VAL B 160 -16.55 22.28 -16.50
CA VAL B 160 -17.03 22.17 -15.13
C VAL B 160 -15.83 22.07 -14.20
N LYS B 161 -15.74 22.99 -13.24
CA LYS B 161 -14.65 23.00 -12.29
C LYS B 161 -15.09 22.69 -10.86
N ALA B 162 -16.33 23.03 -10.49
CA ALA B 162 -16.80 22.75 -9.15
C ALA B 162 -17.10 21.27 -8.98
N GLY B 163 -16.81 20.74 -7.78
CA GLY B 163 -17.11 19.36 -7.47
C GLY B 163 -16.15 18.35 -8.07
N VAL B 164 -14.97 18.77 -8.48
CA VAL B 164 -13.99 17.89 -9.10
C VAL B 164 -12.89 17.57 -8.10
N GLU B 165 -12.55 16.29 -7.98
CA GLU B 165 -11.44 15.86 -7.15
C GLU B 165 -10.59 14.86 -7.93
N THR B 166 -9.29 15.14 -8.06
CA THR B 166 -8.41 14.33 -8.88
C THR B 166 -7.18 13.94 -8.08
N THR B 167 -6.74 12.70 -8.24
CA THR B 167 -5.56 12.25 -7.51
C THR B 167 -4.28 12.67 -8.23
N THR B 168 -3.18 12.61 -7.48
CA THR B 168 -1.86 12.67 -8.08
C THR B 168 -1.47 11.29 -8.58
N PRO B 169 -1.03 11.15 -9.83
CA PRO B 169 -0.70 9.81 -10.35
C PRO B 169 0.36 9.12 -9.51
N SER B 170 0.18 7.82 -9.31
CA SER B 170 1.14 7.00 -8.59
C SER B 170 1.31 5.69 -9.35
N LYS B 171 2.48 5.07 -9.16
CA LYS B 171 2.83 3.89 -9.93
C LYS B 171 2.10 2.67 -9.40
N GLN B 172 1.53 1.88 -10.30
CA GLN B 172 0.88 0.64 -9.93
C GLN B 172 1.86 -0.52 -10.07
N SER B 173 1.38 -1.74 -9.80
CA SER B 173 2.27 -2.89 -9.85
C SER B 173 2.82 -3.13 -11.26
N ASN B 174 2.04 -2.77 -12.29
CA ASN B 174 2.47 -2.96 -13.68
C ASN B 174 3.52 -1.98 -14.12
N ASN B 175 4.07 -1.17 -13.20
CA ASN B 175 5.13 -0.21 -13.45
C ASN B 175 4.66 0.96 -14.30
N LYS B 176 3.36 1.18 -14.43
CA LYS B 176 2.78 2.35 -15.05
C LYS B 176 1.87 3.04 -14.05
N TYR B 177 1.46 4.26 -14.38
CA TYR B 177 0.75 5.10 -13.43
C TYR B 177 -0.77 4.98 -13.58
N ALA B 178 -1.46 5.26 -12.49
CA ALA B 178 -2.91 5.37 -12.48
C ALA B 178 -3.32 6.62 -11.73
N ALA B 179 -4.48 7.16 -12.10
CA ALA B 179 -5.09 8.29 -11.43
C ALA B 179 -6.59 8.13 -11.56
N SER B 180 -7.32 8.83 -10.71
CA SER B 180 -8.78 8.86 -10.83
C SER B 180 -9.27 10.28 -10.56
N SER B 181 -10.38 10.61 -11.20
CA SER B 181 -11.04 11.90 -11.03
C SER B 181 -12.51 11.64 -10.77
N TYR B 182 -13.07 12.42 -9.84
CA TYR B 182 -14.44 12.26 -9.36
C TYR B 182 -15.17 13.56 -9.56
N LEU B 183 -16.36 13.50 -10.14
CA LEU B 183 -17.21 14.67 -10.30
C LEU B 183 -18.47 14.48 -9.48
N SER B 184 -18.70 15.38 -8.52
CA SER B 184 -19.89 15.32 -7.67
C SER B 184 -20.99 16.21 -8.25
N LEU B 185 -22.19 15.66 -8.35
CA LEU B 185 -23.36 16.37 -8.85
C LEU B 185 -24.56 16.06 -7.97
N THR B 186 -25.51 16.98 -7.96
CA THR B 186 -26.86 16.64 -7.52
C THR B 186 -27.50 15.73 -8.57
N PRO B 187 -28.45 14.89 -8.16
CA PRO B 187 -29.17 14.10 -9.17
C PRO B 187 -29.86 14.94 -10.23
N GLU B 188 -30.33 16.13 -9.87
CA GLU B 188 -31.02 16.97 -10.84
C GLU B 188 -30.07 17.45 -11.94
N GLN B 189 -28.83 17.81 -11.57
CA GLN B 189 -27.84 18.20 -12.57
C GLN B 189 -27.56 17.05 -13.53
N TRP B 190 -27.32 15.85 -12.98
CA TRP B 190 -27.08 14.68 -13.81
C TRP B 190 -28.23 14.44 -14.78
N LYS B 191 -29.46 14.47 -14.26
CA LYS B 191 -30.62 14.15 -15.10
C LYS B 191 -30.96 15.24 -16.10
N SER B 192 -30.53 16.49 -15.86
CA SER B 192 -30.98 17.60 -16.68
C SER B 192 -30.00 18.01 -17.77
N HIS B 193 -28.86 17.34 -17.89
CA HIS B 193 -27.93 17.62 -18.98
C HIS B 193 -27.96 16.47 -19.99
N ARG B 194 -27.59 16.79 -21.23
CA ARG B 194 -27.52 15.77 -22.26
C ARG B 194 -26.46 14.73 -21.94
N SER B 195 -25.35 15.15 -21.35
CA SER B 195 -24.25 14.24 -21.06
C SER B 195 -23.22 14.97 -20.22
N TYR B 196 -22.30 14.19 -19.65
CA TYR B 196 -21.09 14.70 -19.02
C TYR B 196 -19.90 13.94 -19.59
N SER B 197 -18.75 14.63 -19.67
CA SER B 197 -17.56 14.07 -20.27
C SER B 197 -16.36 14.22 -19.34
N CYS B 198 -15.50 13.21 -19.36
CA CYS B 198 -14.18 13.24 -18.74
C CYS B 198 -13.14 13.26 -19.84
N GLN B 199 -12.25 14.24 -19.79
CA GLN B 199 -11.28 14.52 -20.84
C GLN B 199 -9.88 14.47 -20.25
N VAL B 200 -9.08 13.50 -20.70
CA VAL B 200 -7.77 13.20 -20.14
C VAL B 200 -6.72 13.58 -21.17
N THR B 201 -5.80 14.45 -20.78
CA THR B 201 -4.68 14.83 -21.63
C THR B 201 -3.38 14.29 -21.06
N HIS B 202 -2.55 13.73 -21.95
CA HIS B 202 -1.28 13.13 -21.57
C HIS B 202 -0.36 13.22 -22.79
N GLU B 203 0.81 13.83 -22.62
CA GLU B 203 1.84 13.86 -23.65
C GLU B 203 1.31 14.40 -24.98
N GLY B 204 0.42 15.39 -24.90
CA GLY B 204 -0.09 16.04 -26.09
C GLY B 204 -1.28 15.36 -26.73
N SER B 205 -1.73 14.22 -26.21
CA SER B 205 -2.89 13.52 -26.74
C SER B 205 -4.04 13.54 -25.74
N THR B 206 -5.27 13.54 -26.25
CA THR B 206 -6.46 13.64 -25.42
C THR B 206 -7.40 12.47 -25.69
N VAL B 207 -7.94 11.91 -24.61
CA VAL B 207 -8.98 10.89 -24.64
C VAL B 207 -10.19 11.45 -23.93
N GLU B 208 -11.34 11.46 -24.59
CA GLU B 208 -12.56 11.96 -23.96
C GLU B 208 -13.62 10.86 -23.96
N LYS B 209 -14.08 10.51 -22.76
CA LYS B 209 -15.18 9.57 -22.59
C LYS B 209 -16.42 10.33 -22.11
N THR B 210 -17.59 9.90 -22.56
CA THR B 210 -18.84 10.63 -22.34
C THR B 210 -19.92 9.66 -21.86
N VAL B 211 -20.69 10.08 -20.86
CA VAL B 211 -21.82 9.30 -20.35
C VAL B 211 -23.04 10.21 -20.27
N ALA B 212 -24.21 9.57 -20.31
CA ALA B 212 -25.49 10.27 -20.30
C ALA B 212 -26.47 9.52 -19.43
N PRO B 213 -27.45 10.22 -18.83
CA PRO B 213 -28.46 9.53 -18.03
C PRO B 213 -29.25 8.51 -18.84
N THR B 214 -29.58 7.40 -18.18
CA THR B 214 -30.32 6.32 -18.83
C THR B 214 -31.80 6.62 -18.84
N GLU B 215 -32.44 6.40 -19.98
CA GLU B 215 -33.88 6.56 -20.14
C GLU B 215 -34.49 5.25 -20.64
N CYS B 216 -35.52 4.79 -19.94
CA CYS B 216 -36.15 3.51 -20.24
C CYS B 216 -37.49 3.71 -20.91
CL CL C . -2.52 14.16 17.14
CL CL D . 4.46 3.31 2.73
CL CL E . 15.81 -1.57 26.48
CL CL F . -26.61 4.97 1.99
C1 GOL G . -19.41 15.50 -25.98
O1 GOL G . -19.42 14.76 -27.18
C2 GOL G . -18.74 16.83 -26.21
O2 GOL G . -17.88 16.76 -27.33
C3 GOL G . -17.91 17.20 -24.97
O3 GOL G . -17.05 18.28 -25.30
C1 GOL H . -4.59 4.68 -26.34
O1 GOL H . -3.71 5.32 -27.24
C2 GOL H . -5.61 5.68 -25.81
O2 GOL H . -4.96 6.60 -24.96
C3 GOL H . -6.25 6.43 -26.97
O3 GOL H . -7.04 5.55 -27.74
CL CL I . -0.26 9.39 -24.83
CL CL J . -9.12 4.50 -23.46
CL CL K . -15.48 4.35 -20.78
CL CL L . 31.21 -2.69 0.75
#